data_4Y1Y
#
_entry.id   4Y1Y
#
_cell.length_a   42.695
_cell.length_b   58.340
_cell.length_c   112.524
_cell.angle_alpha   90.000
_cell.angle_beta   90.000
_cell.angle_gamma   90.000
#
_symmetry.space_group_name_H-M   'P 21 21 21'
#
loop_
_entity.id
_entity.type
_entity.pdbx_description
1 polymer Galectin-1
2 branched 'beta-D-galactopyranose-(1-3)-methyl 2-acetamido-2-deoxy-6-O-sulfo-beta-D-glucopyranoside'
3 water water
#
_entity_poly.entity_id   1
_entity_poly.type   'polypeptide(L)'
_entity_poly.pdbx_seq_one_letter_code
;MGSSHHHHHHSSGLVPRGSHMGLVASNLNLKPGE(CSO)LRVRGEVAPDAKSFVLNLGKDSNNL(CSO)LHFNPRFNAHG
DANTIV(CSO)NSKDGGAWGTEQREAVFPFQPGSVAEV(CSO)ITFDQANLTVKLPDGYEFKFPNRLNLEAINYMAADGD
FKIK(CSO)VAFD
;
_entity_poly.pdbx_strand_id   A,B
#
# COMPACT_ATOMS: atom_id res chain seq x y z
N GLY A 22 -5.74 5.13 -9.34
CA GLY A 22 -4.44 5.01 -8.69
C GLY A 22 -4.46 3.98 -7.57
N LEU A 23 -3.37 3.92 -6.80
CA LEU A 23 -3.25 2.93 -5.74
C LEU A 23 -4.40 2.98 -4.72
N VAL A 24 -4.86 1.81 -4.28
CA VAL A 24 -5.85 1.70 -3.20
C VAL A 24 -5.31 0.74 -2.18
N ALA A 25 -5.22 1.19 -0.94
CA ALA A 25 -4.82 0.30 0.13
C ALA A 25 -5.91 0.20 1.19
N SER A 26 -6.17 -1.01 1.67
CA SER A 26 -7.18 -1.22 2.73
C SER A 26 -6.66 -2.08 3.88
N ASN A 27 -7.40 -2.15 4.98
CA ASN A 27 -6.94 -2.77 6.23
C ASN A 27 -5.71 -2.09 6.82
N LEU A 28 -5.60 -0.77 6.64
CA LEU A 28 -4.43 -0.04 7.15
C LEU A 28 -4.32 -0.10 8.67
N ASN A 29 -5.46 -0.14 9.32
CA ASN A 29 -5.55 -0.04 10.78
C ASN A 29 -4.67 1.09 11.39
N LEU A 30 -4.67 2.27 10.80
CA LEU A 30 -3.84 3.35 11.32
C LEU A 30 -4.55 4.03 12.50
N LYS A 31 -3.94 3.92 13.67
CA LYS A 31 -4.53 4.39 14.92
C LYS A 31 -4.22 5.86 15.17
N PRO A 32 -5.00 6.50 16.05
CA PRO A 32 -4.68 7.88 16.37
C PRO A 32 -3.21 8.02 16.75
N GLY A 33 -2.53 9.00 16.19
CA GLY A 33 -1.14 9.26 16.51
C GLY A 33 -0.13 8.52 15.65
N GLU A 34 -0.55 7.48 14.92
CA GLU A 34 0.35 6.76 14.04
C GLU A 34 0.48 7.54 12.74
N LEU A 36 1.01 8.09 8.67
CA LEU A 36 0.97 7.52 7.33
C LEU A 36 1.80 8.42 6.40
N ARG A 37 2.87 7.87 5.80
CA ARG A 37 3.71 8.65 4.88
C ARG A 37 3.58 8.17 3.45
N VAL A 38 3.47 9.14 2.55
CA VAL A 38 3.24 8.84 1.14
C VAL A 38 4.18 9.73 0.33
N ARG A 39 5.05 9.10 -0.48
CA ARG A 39 5.88 9.83 -1.41
C ARG A 39 5.51 9.49 -2.86
N GLY A 40 5.44 10.50 -3.71
CA GLY A 40 5.09 10.26 -5.10
C GLY A 40 5.73 11.27 -6.03
N GLU A 41 5.54 11.08 -7.33
CA GLU A 41 6.06 12.02 -8.31
C GLU A 41 4.93 12.86 -8.88
N VAL A 42 5.01 14.18 -8.77
CA VAL A 42 3.98 15.00 -9.36
C VAL A 42 4.25 15.13 -10.86
N ALA A 43 3.29 14.78 -11.71
CA ALA A 43 3.46 14.88 -13.17
C ALA A 43 3.91 16.30 -13.59
N PRO A 44 4.82 16.39 -14.58
CA PRO A 44 5.25 17.71 -15.07
C PRO A 44 4.09 18.60 -15.53
N ASP A 45 3.04 18.03 -16.12
CA ASP A 45 1.89 18.84 -16.54
C ASP A 45 0.67 18.57 -15.64
N ALA A 46 0.92 18.34 -14.36
CA ALA A 46 -0.15 17.85 -13.48
C ALA A 46 -1.27 18.88 -13.43
N LYS A 47 -2.51 18.40 -13.35
CA LYS A 47 -3.66 19.30 -13.15
C LYS A 47 -4.18 19.15 -11.74
N SER A 48 -4.18 17.92 -11.24
CA SER A 48 -4.79 17.61 -9.95
C SER A 48 -4.31 16.27 -9.42
N PHE A 49 -4.19 16.13 -8.09
CA PHE A 49 -4.17 14.75 -7.54
C PHE A 49 -4.95 14.69 -6.23
N VAL A 50 -5.24 13.46 -5.81
CA VAL A 50 -6.13 13.23 -4.68
C VAL A 50 -5.53 12.13 -3.85
N LEU A 51 -5.51 12.37 -2.55
CA LEU A 51 -5.35 11.30 -1.58
C LEU A 51 -6.62 11.24 -0.71
N ASN A 52 -7.33 10.11 -0.76
CA ASN A 52 -8.53 9.91 0.05
C ASN A 52 -8.22 9.01 1.22
N LEU A 53 -8.60 9.40 2.42
CA LEU A 53 -8.34 8.57 3.60
C LEU A 53 -9.61 8.37 4.39
N GLY A 54 -9.87 7.14 4.81
CA GLY A 54 -10.99 6.95 5.71
C GLY A 54 -11.24 5.50 5.99
N LYS A 55 -12.53 5.16 5.91
CA LYS A 55 -13.03 3.79 6.14
C LYS A 55 -13.21 3.09 4.81
N ASP A 56 -13.76 3.81 3.84
CA ASP A 56 -13.99 3.25 2.51
C ASP A 56 -14.33 4.40 1.58
N SER A 57 -14.66 4.11 0.32
CA SER A 57 -14.84 5.18 -0.66
C SER A 57 -16.01 6.13 -0.34
N ASN A 58 -16.96 5.68 0.48
CA ASN A 58 -18.09 6.52 0.87
C ASN A 58 -17.88 7.23 2.20
N ASN A 59 -16.79 6.90 2.89
CA ASN A 59 -16.58 7.43 4.22
C ASN A 59 -15.14 7.91 4.39
N LEU A 60 -14.93 9.20 4.08
CA LEU A 60 -13.58 9.74 4.07
C LEU A 60 -13.41 10.76 5.15
N LEU A 62 -10.66 12.34 5.27
CA LEU A 62 -9.96 13.36 4.54
C LEU A 62 -9.88 13.08 3.05
N HIS A 63 -10.35 14.03 2.27
CA HIS A 63 -10.21 14.12 0.85
C HIS A 63 -9.21 15.26 0.66
N PHE A 64 -8.01 14.91 0.24
CA PHE A 64 -6.88 15.87 0.13
C PHE A 64 -6.61 16.08 -1.34
N ASN A 65 -6.90 17.28 -1.85
CA ASN A 65 -6.93 17.47 -3.30
C ASN A 65 -6.19 18.73 -3.72
N PRO A 66 -4.86 18.61 -3.91
CA PRO A 66 -4.12 19.74 -4.51
C PRO A 66 -4.55 19.94 -5.94
N ARG A 67 -5.01 21.15 -6.25
CA ARG A 67 -5.44 21.44 -7.61
C ARG A 67 -4.44 22.39 -8.25
N PHE A 68 -3.77 21.89 -9.29
CA PHE A 68 -2.83 22.72 -10.04
C PHE A 68 -3.59 23.57 -11.05
N ASN A 69 -4.51 22.92 -11.74
CA ASN A 69 -5.29 23.56 -12.79
C ASN A 69 -6.48 22.67 -13.08
N ALA A 70 -7.48 22.74 -12.19
CA ALA A 70 -8.66 21.87 -12.28
C ALA A 70 -9.88 22.50 -11.58
N HIS A 71 -11.07 22.19 -12.07
CA HIS A 71 -12.34 22.68 -11.50
C HIS A 71 -12.40 24.19 -11.29
N GLY A 72 -11.78 24.94 -12.20
CA GLY A 72 -11.77 26.39 -12.12
C GLY A 72 -10.72 26.96 -11.17
N ASP A 73 -10.00 26.08 -10.48
CA ASP A 73 -8.99 26.50 -9.52
C ASP A 73 -7.58 26.30 -10.10
N ALA A 74 -6.66 27.08 -9.56
CA ALA A 74 -5.26 26.97 -9.93
C ALA A 74 -4.45 27.06 -8.64
N ASN A 75 -3.42 26.21 -8.54
CA ASN A 75 -2.56 26.18 -7.36
C ASN A 75 -3.28 26.36 -6.00
N THR A 76 -4.32 25.54 -5.78
CA THR A 76 -5.13 25.53 -4.54
C THR A 76 -5.22 24.13 -3.92
N ILE A 77 -4.93 24.02 -2.62
CA ILE A 77 -5.26 22.80 -1.85
C ILE A 77 -6.72 22.78 -1.38
N VAL A 78 -7.48 21.80 -1.85
CA VAL A 78 -8.86 21.65 -1.45
C VAL A 78 -8.96 20.44 -0.52
N ASN A 80 -11.77 18.12 1.99
CA ASN A 80 -13.15 17.91 2.44
C ASN A 80 -13.28 16.56 3.11
N SER A 81 -14.49 16.27 3.55
CA SER A 81 -14.80 14.99 4.16
C SER A 81 -15.92 14.38 3.34
N LYS A 82 -16.12 13.09 3.53
CA LYS A 82 -17.29 12.47 2.93
C LYS A 82 -17.88 11.48 3.92
N ASP A 83 -19.16 11.67 4.27
CA ASP A 83 -19.72 10.89 5.35
C ASP A 83 -20.97 10.22 4.79
N GLY A 84 -20.95 8.89 4.74
CA GLY A 84 -22.03 8.13 4.13
C GLY A 84 -22.41 8.62 2.75
N GLY A 85 -21.42 8.88 1.91
CA GLY A 85 -21.63 9.25 0.51
C GLY A 85 -21.74 10.79 0.33
N ALA A 86 -21.93 11.51 1.42
CA ALA A 86 -22.21 12.96 1.34
C ALA A 86 -20.95 13.80 1.53
N TRP A 87 -20.64 14.63 0.55
CA TRP A 87 -19.54 15.58 0.75
C TRP A 87 -19.80 16.54 1.90
N GLY A 88 -18.77 16.84 2.70
CA GLY A 88 -18.93 17.80 3.79
C GLY A 88 -18.69 19.22 3.29
N THR A 89 -18.40 20.11 4.20
CA THR A 89 -18.07 21.48 3.84
C THR A 89 -16.59 21.59 3.50
N GLU A 90 -16.34 21.95 2.26
CA GLU A 90 -15.01 22.13 1.67
C GLU A 90 -14.20 23.20 2.42
N GLN A 91 -12.90 22.97 2.54
CA GLN A 91 -11.99 23.96 3.12
C GLN A 91 -10.79 24.10 2.22
N ARG A 92 -10.22 25.30 2.14
CA ARG A 92 -9.01 25.48 1.33
C ARG A 92 -7.90 26.14 2.13
N GLU A 93 -6.65 25.83 1.74
CA GLU A 93 -5.44 26.45 2.31
C GLU A 93 -5.00 27.59 1.40
N ALA A 94 -4.27 28.55 1.95
CA ALA A 94 -3.78 29.66 1.14
C ALA A 94 -2.46 29.30 0.48
N VAL A 95 -1.77 28.31 1.03
CA VAL A 95 -0.40 27.96 0.63
C VAL A 95 -0.45 26.81 -0.37
N PHE A 96 0.52 26.71 -1.27
CA PHE A 96 0.52 25.59 -2.20
C PHE A 96 1.95 25.07 -2.41
N PRO A 97 2.44 24.23 -1.49
CA PRO A 97 3.83 23.77 -1.54
C PRO A 97 4.04 22.49 -2.39
N PHE A 98 3.44 22.48 -3.57
CA PHE A 98 3.73 21.44 -4.57
C PHE A 98 4.20 22.05 -5.86
N GLN A 99 5.11 21.39 -6.55
CA GLN A 99 5.56 21.88 -7.85
C GLN A 99 5.38 20.76 -8.87
N PRO A 100 4.68 21.04 -9.99
CA PRO A 100 4.63 20.03 -11.04
C PRO A 100 6.03 19.56 -11.45
N GLY A 101 6.22 18.25 -11.66
CA GLY A 101 7.52 17.75 -12.10
C GLY A 101 8.50 17.45 -10.99
N SER A 102 8.04 17.53 -9.73
CA SER A 102 8.89 17.21 -8.59
C SER A 102 8.34 16.06 -7.74
N VAL A 103 9.17 15.56 -6.83
CA VAL A 103 8.75 14.61 -5.81
C VAL A 103 8.06 15.34 -4.66
N ALA A 104 6.95 14.80 -4.18
CA ALA A 104 6.31 15.34 -2.98
C ALA A 104 6.12 14.23 -1.95
N GLU A 105 6.32 14.56 -0.67
CA GLU A 105 5.95 13.69 0.46
C GLU A 105 4.90 14.32 1.36
N VAL A 106 3.88 13.55 1.73
CA VAL A 106 2.92 14.05 2.71
C VAL A 106 2.81 13.04 3.84
N ILE A 108 0.54 12.03 7.19
CA ILE A 108 -0.76 12.29 7.80
C ILE A 108 -0.91 11.55 9.13
N THR A 109 -1.46 12.24 10.13
CA THR A 109 -1.87 11.59 11.36
C THR A 109 -3.21 12.19 11.81
N PHE A 110 -3.84 11.60 12.83
CA PHE A 110 -5.08 12.23 13.35
C PHE A 110 -5.18 12.01 14.85
N ASP A 111 -5.90 12.91 15.50
CA ASP A 111 -6.49 12.65 16.82
C ASP A 111 -8.02 12.80 16.74
N GLN A 112 -8.69 12.81 17.87
CA GLN A 112 -10.14 13.00 17.85
C GLN A 112 -10.59 14.34 17.29
N ALA A 113 -9.75 15.35 17.37
CA ALA A 113 -10.13 16.72 16.96
C ALA A 113 -9.86 16.99 15.49
N ASN A 114 -8.61 16.73 15.07
CA ASN A 114 -8.18 17.06 13.71
C ASN A 114 -7.33 15.97 13.07
N LEU A 115 -7.33 15.99 11.74
CA LEU A 115 -6.21 15.45 11.00
C LEU A 115 -5.14 16.51 10.88
N THR A 116 -3.89 16.07 10.89
CA THR A 116 -2.75 16.96 10.73
C THR A 116 -2.01 16.45 9.53
N VAL A 117 -1.86 17.33 8.54
CA VAL A 117 -1.20 16.97 7.30
C VAL A 117 0.13 17.75 7.24
N LYS A 118 1.24 17.02 7.25
CA LYS A 118 2.53 17.68 7.11
C LYS A 118 3.08 17.47 5.71
N LEU A 119 3.59 18.58 5.18
CA LEU A 119 3.92 18.72 3.77
C LEU A 119 5.40 19.00 3.63
N PRO A 120 5.91 19.07 2.38
CA PRO A 120 7.37 19.18 2.20
C PRO A 120 8.03 20.35 2.93
N ASP A 121 7.82 21.54 2.39
CA ASP A 121 8.58 22.72 2.80
C ASP A 121 8.21 23.22 4.19
N GLY A 122 8.22 22.32 5.17
CA GLY A 122 7.87 22.63 6.54
C GLY A 122 6.37 22.77 6.84
N TYR A 123 5.51 22.80 5.82
CA TYR A 123 4.15 23.21 6.11
C TYR A 123 3.34 22.12 6.81
N GLU A 124 2.40 22.56 7.63
CA GLU A 124 1.58 21.66 8.39
C GLU A 124 0.20 22.27 8.52
N PHE A 125 -0.83 21.50 8.23
CA PHE A 125 -2.10 22.08 8.56
C PHE A 125 -3.03 21.09 9.15
N LYS A 126 -4.16 21.62 9.58
CA LYS A 126 -5.15 20.80 10.25
C LYS A 126 -6.45 20.85 9.49
N PHE A 127 -7.16 19.74 9.57
CA PHE A 127 -8.47 19.60 9.00
C PHE A 127 -9.33 18.95 10.09
N PRO A 128 -10.55 19.46 10.34
CA PRO A 128 -11.31 18.88 11.42
C PRO A 128 -11.66 17.40 11.16
N ASN A 129 -11.52 16.53 12.16
CA ASN A 129 -11.96 15.15 12.14
C ASN A 129 -13.49 15.06 12.32
N ARG A 130 -14.19 14.89 11.21
CA ARG A 130 -15.64 14.96 11.21
C ARG A 130 -16.32 13.59 11.36
N LEU A 131 -15.58 12.50 11.20
CA LEU A 131 -16.19 11.16 11.22
C LEU A 131 -15.95 10.33 12.48
N ASN A 132 -14.92 10.70 13.26
CA ASN A 132 -14.61 9.95 14.47
C ASN A 132 -14.48 8.42 14.26
N LEU A 133 -13.78 8.02 13.20
CA LEU A 133 -13.48 6.60 12.98
C LEU A 133 -12.48 6.20 14.03
N GLU A 134 -12.44 4.92 14.38
CA GLU A 134 -11.43 4.39 15.28
C GLU A 134 -10.03 4.39 14.62
N ALA A 135 -10.00 4.23 13.31
CA ALA A 135 -8.72 4.10 12.60
C ALA A 135 -8.91 4.54 11.16
N ILE A 136 -7.80 4.88 10.52
CA ILE A 136 -7.83 5.06 9.08
C ILE A 136 -7.54 3.67 8.52
N ASN A 137 -8.53 3.10 7.83
CA ASN A 137 -8.38 1.79 7.22
C ASN A 137 -8.22 1.76 5.72
N TYR A 138 -8.47 2.89 5.09
CA TYR A 138 -8.57 2.95 3.67
C TYR A 138 -7.80 4.14 3.14
N MET A 139 -6.96 3.91 2.15
CA MET A 139 -6.43 5.03 1.37
C MET A 139 -6.55 4.80 -0.13
N ALA A 140 -6.87 5.86 -0.86
CA ALA A 140 -6.94 5.78 -2.30
C ALA A 140 -6.26 7.00 -2.89
N ALA A 141 -5.44 6.76 -3.90
CA ALA A 141 -4.76 7.85 -4.60
C ALA A 141 -5.30 7.97 -6.00
N ASP A 142 -5.37 9.18 -6.50
CA ASP A 142 -5.83 9.34 -7.85
C ASP A 142 -5.19 10.57 -8.47
N GLY A 143 -5.16 10.61 -9.80
CA GLY A 143 -4.72 11.83 -10.47
C GLY A 143 -3.24 11.79 -10.77
N ASP A 144 -2.66 12.97 -10.92
CA ASP A 144 -1.36 13.16 -11.53
C ASP A 144 -0.18 13.08 -10.56
N PHE A 145 -0.18 12.01 -9.76
CA PHE A 145 0.74 11.81 -8.65
C PHE A 145 1.09 10.31 -8.68
N LYS A 146 2.31 10.01 -9.09
CA LYS A 146 2.77 8.62 -9.20
C LYS A 146 3.36 8.15 -7.88
N ILE A 147 2.65 7.30 -7.14
CA ILE A 147 3.11 6.89 -5.80
C ILE A 147 4.36 6.01 -5.87
N LYS A 148 5.38 6.43 -5.14
CA LYS A 148 6.65 5.69 -5.13
C LYS A 148 6.87 4.88 -3.86
N VAL A 150 4.93 4.09 0.35
CA VAL A 150 3.98 4.33 1.43
C VAL A 150 4.50 3.69 2.69
N ALA A 151 4.51 4.41 3.80
CA ALA A 151 5.06 3.87 5.04
C ALA A 151 4.01 4.08 6.13
N PHE A 152 3.80 3.01 6.91
CA PHE A 152 2.59 2.88 7.74
C PHE A 152 2.91 2.96 9.21
N GLY B 22 -4.55 -8.56 7.07
CA GLY B 22 -3.38 -7.72 6.85
C GLY B 22 -3.61 -6.70 5.74
N LEU B 23 -2.62 -5.86 5.49
CA LEU B 23 -2.70 -4.85 4.44
C LEU B 23 -3.03 -5.47 3.10
N VAL B 24 -3.98 -4.85 2.40
CA VAL B 24 -4.32 -5.20 1.03
C VAL B 24 -4.14 -4.00 0.12
N ALA B 25 -3.43 -4.18 -0.98
CA ALA B 25 -3.18 -3.04 -1.88
C ALA B 25 -3.58 -3.45 -3.27
N SER B 26 -4.38 -2.60 -3.93
CA SER B 26 -4.80 -2.89 -5.29
C SER B 26 -4.46 -1.74 -6.26
N ASN B 27 -4.68 -1.97 -7.56
CA ASN B 27 -4.24 -1.06 -8.62
C ASN B 27 -2.75 -0.77 -8.57
N LEU B 28 -2.00 -1.75 -8.09
CA LEU B 28 -0.60 -1.78 -8.35
C LEU B 28 -0.69 -2.04 -9.82
N ASN B 29 0.28 -1.57 -10.54
CA ASN B 29 0.30 -1.76 -11.97
C ASN B 29 1.75 -2.13 -12.18
N LEU B 30 2.20 -3.15 -11.45
CA LEU B 30 3.62 -3.55 -11.49
C LEU B 30 3.94 -4.42 -12.71
N LYS B 31 4.77 -3.89 -13.59
CA LYS B 31 5.03 -4.56 -14.86
C LYS B 31 6.25 -5.47 -14.72
N PRO B 32 6.50 -6.34 -15.73
CA PRO B 32 7.71 -7.17 -15.68
C PRO B 32 8.98 -6.35 -15.49
N GLY B 33 9.88 -6.80 -14.64
CA GLY B 33 11.09 -6.03 -14.41
C GLY B 33 10.98 -5.03 -13.27
N GLU B 34 9.82 -4.38 -13.11
CA GLU B 34 9.57 -3.44 -12.01
C GLU B 34 9.74 -4.14 -10.67
N LEU B 36 8.90 -4.55 -6.63
CA LEU B 36 8.03 -4.26 -5.50
C LEU B 36 8.86 -4.54 -4.25
N ARG B 37 9.10 -3.52 -3.43
CA ARG B 37 9.89 -3.74 -2.21
C ARG B 37 8.96 -3.65 -1.00
N VAL B 38 9.05 -4.65 -0.12
CA VAL B 38 8.15 -4.70 1.04
C VAL B 38 8.98 -4.98 2.30
N ARG B 39 8.75 -4.17 3.33
CA ARG B 39 9.35 -4.36 4.65
C ARG B 39 8.26 -4.47 5.72
N GLY B 40 8.41 -5.47 6.57
CA GLY B 40 7.38 -5.75 7.56
C GLY B 40 7.95 -6.37 8.82
N GLU B 41 7.10 -6.50 9.84
CA GLU B 41 7.50 -7.05 11.13
C GLU B 41 6.94 -8.46 11.29
N VAL B 42 7.83 -9.43 11.45
CA VAL B 42 7.39 -10.79 11.74
C VAL B 42 7.10 -10.86 13.24
N ALA B 43 5.86 -11.17 13.58
CA ALA B 43 5.41 -11.30 14.97
C ALA B 43 6.35 -12.19 15.81
N PRO B 44 6.47 -11.93 17.12
CA PRO B 44 7.36 -12.69 18.00
C PRO B 44 6.94 -14.16 18.17
N ASP B 45 5.64 -14.43 18.03
CA ASP B 45 5.16 -15.80 18.17
C ASP B 45 4.74 -16.35 16.81
N ALA B 46 5.49 -15.96 15.78
CA ALA B 46 5.08 -16.20 14.40
C ALA B 46 4.98 -17.68 14.10
N LYS B 47 3.78 -18.11 13.70
CA LYS B 47 3.57 -19.49 13.24
C LYS B 47 3.77 -19.55 11.72
N SER B 48 3.27 -18.54 11.00
CA SER B 48 3.52 -18.43 9.56
C SER B 48 3.07 -17.05 9.08
N PHE B 49 3.57 -16.66 7.91
CA PHE B 49 2.96 -15.50 7.28
C PHE B 49 2.86 -15.66 5.77
N VAL B 50 2.04 -14.80 5.17
CA VAL B 50 1.68 -14.90 3.76
C VAL B 50 1.86 -13.56 3.07
N LEU B 51 2.46 -13.59 1.88
CA LEU B 51 2.37 -12.45 0.94
C LEU B 51 1.76 -12.95 -0.33
N ASN B 52 0.59 -12.42 -0.67
CA ASN B 52 -0.10 -12.79 -1.91
C ASN B 52 0.09 -11.71 -2.97
N LEU B 53 0.38 -12.13 -4.20
CA LEU B 53 0.54 -11.23 -5.34
C LEU B 53 -0.22 -11.77 -6.56
N GLY B 54 -0.91 -10.89 -7.29
CA GLY B 54 -1.56 -11.36 -8.51
C GLY B 54 -2.46 -10.29 -9.10
N LYS B 55 -3.57 -10.71 -9.67
CA LYS B 55 -4.56 -9.84 -10.23
C LYS B 55 -5.60 -9.41 -9.16
N ASP B 56 -5.99 -10.37 -8.33
CA ASP B 56 -6.97 -10.17 -7.26
C ASP B 56 -6.89 -11.37 -6.34
N SER B 57 -7.78 -11.46 -5.34
CA SER B 57 -7.62 -12.47 -4.32
C SER B 57 -7.82 -13.90 -4.86
N ASN B 58 -8.45 -14.02 -6.02
CA ASN B 58 -8.69 -15.36 -6.58
C ASN B 58 -7.71 -15.74 -7.70
N ASN B 59 -6.80 -14.82 -8.05
CA ASN B 59 -5.89 -14.99 -9.17
C ASN B 59 -4.51 -14.54 -8.72
N LEU B 60 -3.82 -15.47 -8.07
CA LEU B 60 -2.55 -15.14 -7.44
C LEU B 60 -1.40 -15.77 -8.23
N LEU B 62 1.60 -15.47 -7.20
CA LEU B 62 2.42 -15.96 -6.08
C LEU B 62 1.73 -15.81 -4.76
N HIS B 63 1.64 -16.93 -4.06
CA HIS B 63 1.28 -17.06 -2.65
C HIS B 63 2.55 -17.51 -2.01
N PHE B 64 3.16 -16.62 -1.22
CA PHE B 64 4.50 -16.86 -0.67
C PHE B 64 4.32 -17.05 0.84
N ASN B 65 4.55 -18.26 1.36
CA ASN B 65 4.05 -18.61 2.69
C ASN B 65 5.11 -19.34 3.51
N PRO B 66 5.99 -18.58 4.18
CA PRO B 66 6.93 -19.10 5.14
C PRO B 66 6.18 -19.65 6.33
N ARG B 67 6.39 -20.94 6.60
CA ARG B 67 5.74 -21.59 7.72
C ARG B 67 6.79 -21.93 8.77
N PHE B 68 6.69 -21.32 9.94
CA PHE B 68 7.67 -21.55 10.98
C PHE B 68 7.31 -22.89 11.63
N ASN B 69 6.02 -23.04 11.90
CA ASN B 69 5.43 -24.26 12.44
C ASN B 69 3.94 -24.18 12.20
N ALA B 70 3.49 -24.75 11.08
CA ALA B 70 2.10 -24.58 10.69
C ALA B 70 1.72 -25.64 9.67
N HIS B 71 0.52 -26.22 9.84
CA HIS B 71 -0.02 -27.18 8.88
C HIS B 71 0.88 -28.41 8.72
N GLY B 72 1.71 -28.70 9.71
CA GLY B 72 2.64 -29.83 9.60
C GLY B 72 4.02 -29.52 9.01
N ASP B 73 4.22 -28.29 8.54
CA ASP B 73 5.54 -27.86 8.08
C ASP B 73 6.33 -27.18 9.21
N ALA B 74 7.64 -27.36 9.22
CA ALA B 74 8.47 -26.60 10.15
C ALA B 74 9.57 -25.91 9.38
N ASN B 75 9.74 -24.59 9.60
CA ASN B 75 10.77 -23.80 8.87
C ASN B 75 10.90 -24.17 7.40
N THR B 76 9.76 -24.14 6.73
CA THR B 76 9.66 -24.39 5.30
C THR B 76 8.90 -23.26 4.61
N ILE B 77 9.40 -22.75 3.48
CA ILE B 77 8.57 -21.85 2.68
C ILE B 77 7.70 -22.67 1.72
N VAL B 78 6.40 -22.40 1.72
CA VAL B 78 5.52 -22.96 0.70
C VAL B 78 5.14 -21.86 -0.29
N ASN B 80 2.70 -21.13 -3.84
CA ASN B 80 1.72 -21.68 -4.74
C ASN B 80 1.16 -20.60 -5.64
N SER B 81 0.35 -21.03 -6.61
CA SER B 81 -0.47 -20.13 -7.41
C SER B 81 -1.93 -20.33 -7.07
N LYS B 82 -2.76 -19.35 -7.43
CA LYS B 82 -4.21 -19.56 -7.37
C LYS B 82 -4.79 -19.02 -8.69
N ASP B 83 -5.56 -19.87 -9.37
CA ASP B 83 -6.06 -19.52 -10.71
C ASP B 83 -7.61 -19.72 -10.68
N GLY B 84 -8.33 -18.62 -10.81
CA GLY B 84 -9.79 -18.65 -10.77
C GLY B 84 -10.31 -19.32 -9.53
N GLY B 85 -9.66 -19.06 -8.41
CA GLY B 85 -10.04 -19.57 -7.10
C GLY B 85 -9.46 -20.94 -6.76
N ALA B 86 -8.77 -21.55 -7.70
CA ALA B 86 -8.29 -22.92 -7.43
C ALA B 86 -6.79 -22.91 -7.15
N TRP B 87 -6.38 -23.47 -6.01
CA TRP B 87 -4.94 -23.62 -5.72
C TRP B 87 -4.25 -24.54 -6.73
N GLY B 88 -3.05 -24.15 -7.15
CA GLY B 88 -2.22 -25.01 -7.96
C GLY B 88 -1.43 -25.97 -7.11
N THR B 89 -0.32 -26.46 -7.66
CA THR B 89 0.54 -27.38 -6.92
C THR B 89 1.62 -26.66 -6.12
N GLU B 90 1.78 -27.01 -4.87
CA GLU B 90 2.70 -26.35 -3.96
C GLU B 90 4.16 -26.66 -4.32
N GLN B 91 5.00 -25.63 -4.34
CA GLN B 91 6.45 -25.83 -4.38
C GLN B 91 7.03 -25.52 -2.99
N ARG B 92 7.98 -26.33 -2.52
CA ARG B 92 8.62 -26.11 -1.22
C ARG B 92 10.14 -26.02 -1.33
N GLU B 93 10.77 -25.34 -0.37
CA GLU B 93 12.24 -25.20 -0.38
C GLU B 93 12.90 -25.64 0.93
N ALA B 94 14.16 -26.04 0.85
CA ALA B 94 14.98 -26.23 2.05
C ALA B 94 15.31 -24.89 2.77
N VAL B 95 15.78 -23.91 2.01
CA VAL B 95 16.32 -22.70 2.64
C VAL B 95 15.27 -21.85 3.36
N PHE B 96 15.52 -21.48 4.62
CA PHE B 96 14.53 -20.76 5.41
C PHE B 96 15.08 -19.55 6.20
N PRO B 97 15.26 -18.40 5.55
CA PRO B 97 15.96 -17.31 6.22
C PRO B 97 15.05 -16.34 6.95
N PHE B 98 14.02 -16.84 7.62
CA PHE B 98 13.13 -15.96 8.37
C PHE B 98 13.18 -16.30 9.84
N GLN B 99 13.01 -15.27 10.65
CA GLN B 99 13.04 -15.40 12.10
C GLN B 99 11.82 -14.73 12.70
N PRO B 100 11.24 -15.34 13.73
CA PRO B 100 10.10 -14.74 14.42
C PRO B 100 10.52 -13.49 15.20
N GLY B 101 9.62 -12.53 15.34
CA GLY B 101 9.93 -11.33 16.11
C GLY B 101 10.98 -10.44 15.48
N SER B 102 11.12 -10.53 14.16
CA SER B 102 12.11 -9.72 13.46
C SER B 102 11.51 -8.99 12.27
N VAL B 103 12.33 -8.14 11.67
CA VAL B 103 11.97 -7.40 10.48
C VAL B 103 12.46 -8.20 9.26
N ALA B 104 11.57 -8.31 8.27
CA ALA B 104 11.87 -8.99 7.04
C ALA B 104 11.67 -8.01 5.89
N GLU B 105 12.62 -8.02 4.96
CA GLU B 105 12.56 -7.20 3.78
C GLU B 105 12.58 -8.13 2.58
N VAL B 106 11.61 -7.98 1.68
CA VAL B 106 11.70 -8.70 0.40
C VAL B 106 11.63 -7.73 -0.80
N ILE B 108 10.37 -8.09 -4.77
CA ILE B 108 9.67 -8.98 -5.67
C ILE B 108 9.64 -8.47 -7.10
N THR B 109 9.87 -9.36 -8.04
CA THR B 109 9.76 -9.01 -9.44
C THR B 109 9.33 -10.24 -10.23
N PHE B 110 8.94 -10.05 -11.48
CA PHE B 110 8.61 -11.20 -12.29
C PHE B 110 8.93 -10.96 -13.76
N ASP B 111 9.04 -12.05 -14.50
CA ASP B 111 9.21 -11.97 -15.94
C ASP B 111 8.38 -13.07 -16.55
N GLN B 112 8.63 -13.33 -17.82
CA GLN B 112 7.91 -14.37 -18.54
C GLN B 112 8.02 -15.72 -17.85
N ALA B 113 9.17 -16.00 -17.23
CA ALA B 113 9.44 -17.34 -16.76
C ALA B 113 9.04 -17.54 -15.31
N ASN B 114 9.50 -16.64 -14.45
CA ASN B 114 9.39 -16.83 -13.01
C ASN B 114 8.96 -15.58 -12.28
N LEU B 115 8.45 -15.81 -11.07
CA LEU B 115 8.45 -14.74 -10.06
C LEU B 115 9.74 -14.91 -9.27
N THR B 116 10.34 -13.81 -8.84
CA THR B 116 11.51 -13.84 -8.00
C THR B 116 11.32 -13.07 -6.70
N VAL B 117 11.64 -13.70 -5.59
CA VAL B 117 11.61 -13.04 -4.28
C VAL B 117 13.02 -13.01 -3.75
N LYS B 118 13.57 -11.82 -3.58
CA LYS B 118 14.97 -11.65 -3.13
C LYS B 118 15.02 -11.08 -1.73
N LEU B 119 15.97 -11.58 -0.92
CA LEU B 119 16.20 -11.04 0.43
C LEU B 119 17.50 -10.25 0.35
N PRO B 120 17.67 -9.26 1.24
CA PRO B 120 18.87 -8.39 1.25
C PRO B 120 20.15 -9.20 1.22
N ASP B 121 20.25 -10.20 2.09
CA ASP B 121 21.47 -11.03 2.20
C ASP B 121 21.80 -11.84 0.95
N GLY B 122 20.94 -11.78 -0.06
CA GLY B 122 21.24 -12.38 -1.34
C GLY B 122 20.47 -13.65 -1.64
N TYR B 123 19.61 -14.10 -0.72
CA TYR B 123 18.79 -15.27 -1.08
C TYR B 123 17.83 -14.88 -2.18
N GLU B 124 17.63 -15.80 -3.12
CA GLU B 124 16.61 -15.63 -4.15
C GLU B 124 15.69 -16.83 -4.26
N PHE B 125 14.41 -16.62 -4.09
CA PHE B 125 13.44 -17.69 -4.35
C PHE B 125 12.78 -17.48 -5.71
N LYS B 126 12.68 -18.55 -6.47
CA LYS B 126 12.03 -18.44 -7.77
C LYS B 126 10.80 -19.36 -7.79
N PHE B 127 9.72 -18.89 -8.42
CA PHE B 127 8.51 -19.68 -8.53
C PHE B 127 7.99 -19.51 -9.95
N PRO B 128 7.63 -20.61 -10.61
CA PRO B 128 7.24 -20.42 -12.03
C PRO B 128 6.02 -19.50 -12.20
N ASN B 129 6.04 -18.70 -13.27
CA ASN B 129 4.98 -17.80 -13.64
C ASN B 129 3.88 -18.58 -14.36
N ARG B 130 2.82 -18.91 -13.62
CA ARG B 130 1.81 -19.83 -14.13
C ARG B 130 0.62 -19.13 -14.77
N LEU B 131 0.39 -17.86 -14.42
CA LEU B 131 -0.82 -17.13 -14.83
C LEU B 131 -0.54 -16.27 -16.05
N ASN B 132 0.73 -15.94 -16.25
CA ASN B 132 1.20 -15.13 -17.39
C ASN B 132 0.44 -13.81 -17.53
N LEU B 133 0.21 -13.15 -16.40
CA LEU B 133 -0.48 -11.86 -16.46
C LEU B 133 0.44 -10.70 -16.81
N GLU B 134 -0.15 -9.62 -17.32
CA GLU B 134 0.64 -8.49 -17.82
C GLU B 134 1.23 -7.68 -16.69
N ALA B 135 0.62 -7.75 -15.51
CA ALA B 135 1.05 -6.97 -14.35
C ALA B 135 0.64 -7.59 -13.05
N ILE B 136 1.35 -7.25 -11.97
CA ILE B 136 0.85 -7.57 -10.65
C ILE B 136 0.02 -6.36 -10.23
N ASN B 137 -1.26 -6.58 -9.93
CA ASN B 137 -2.14 -5.48 -9.59
C ASN B 137 -2.57 -5.52 -8.14
N TYR B 138 -2.27 -6.63 -7.49
CA TYR B 138 -2.82 -6.92 -6.21
C TYR B 138 -1.75 -7.49 -5.29
N MET B 139 -1.72 -6.98 -4.07
CA MET B 139 -0.89 -7.57 -3.02
C MET B 139 -1.59 -7.61 -1.68
N ALA B 140 -1.35 -8.66 -0.92
CA ALA B 140 -2.04 -8.84 0.37
C ALA B 140 -1.13 -9.56 1.33
N ALA B 141 -1.11 -9.07 2.56
CA ALA B 141 -0.39 -9.73 3.63
C ALA B 141 -1.40 -10.42 4.52
N ASP B 142 -0.99 -11.53 5.11
CA ASP B 142 -1.83 -12.26 6.05
C ASP B 142 -0.91 -12.95 7.08
N GLY B 143 -1.49 -13.40 8.19
CA GLY B 143 -0.70 -14.11 9.18
C GLY B 143 0.18 -13.20 10.01
N ASP B 144 1.31 -13.72 10.44
CA ASP B 144 2.11 -13.03 11.44
C ASP B 144 3.12 -12.04 10.87
N PHE B 145 2.67 -11.26 9.89
CA PHE B 145 3.53 -10.29 9.15
C PHE B 145 2.80 -8.96 9.04
N LYS B 146 3.36 -7.93 9.63
CA LYS B 146 2.75 -6.60 9.60
C LYS B 146 3.49 -5.71 8.60
N ILE B 147 2.84 -5.31 7.50
CA ILE B 147 3.61 -4.46 6.54
C ILE B 147 3.82 -3.05 7.07
N LYS B 148 5.08 -2.60 7.02
CA LYS B 148 5.47 -1.29 7.52
C LYS B 148 5.79 -0.29 6.41
N VAL B 150 6.00 -0.04 1.80
CA VAL B 150 5.90 -0.61 0.45
C VAL B 150 6.46 0.38 -0.54
N ALA B 151 7.31 -0.08 -1.45
CA ALA B 151 7.88 0.86 -2.42
C ALA B 151 7.86 0.29 -3.85
N PHE B 152 7.79 1.16 -4.85
CA PHE B 152 7.72 0.77 -6.26
C PHE B 152 8.89 1.32 -7.06
#